data_1CP7
#
_entry.id   1CP7
#
_cell.length_a   61.750
_cell.length_b   61.750
_cell.length_c   146.150
_cell.angle_alpha   90.00
_cell.angle_beta   90.00
_cell.angle_gamma   90.00
#
_symmetry.space_group_name_H-M   'P 41 21 2'
#
loop_
_entity.id
_entity.type
_entity.pdbx_description
1 polymer AMINOPEPTIDASE
2 non-polymer 'ZINC ION'
3 non-polymer 'CALCIUM ION'
4 water water
#
_entity_poly.entity_id   1
_entity_poly.type   'polypeptide(L)'
_entity_poly.pdbx_seq_one_letter_code
;APDIPLANVKAHLTQLSTIAANNGGNRAHGRPGYKASVDYVKAKLDAAGYTTTLQQFTSGGATGYNLIANWPGGDPNKVL
MAGAHLDSVSSGAGINDNGSGSAAVLETALAVSRAGYQPDKHLRFAWWGAEELGLIGSKFYVNNLPSADRSKLAGYLNFD
MIGSPNPGYFVYDDDPVIEKTFKNYFAGLNVPTEIETEGDGRSDHAPFKNVGVPVGGLFTGAGYTKSAAQAQKWGGTAGQ
AFDRCYHSSCDSLSNINDTALDRNSDAAAHAIWTLSSGTGEPPT
;
_entity_poly.pdbx_strand_id   A
#
loop_
_chem_comp.id
_chem_comp.type
_chem_comp.name
_chem_comp.formula
CA non-polymer 'CALCIUM ION' 'Ca 2'
ZN non-polymer 'ZINC ION' 'Zn 2'
#
# COMPACT_ATOMS: atom_id res chain seq x y z
N ALA A 1 -6.35 -9.88 15.20
CA ALA A 1 -5.22 -9.12 14.53
C ALA A 1 -4.64 -8.16 15.54
N PRO A 2 -3.35 -7.87 15.46
CA PRO A 2 -2.68 -6.95 16.39
C PRO A 2 -3.01 -5.51 15.95
N ASP A 3 -2.87 -4.58 16.87
CA ASP A 3 -2.98 -3.14 16.66
C ASP A 3 -1.61 -2.76 16.03
N ILE A 4 -1.56 -2.16 14.84
CA ILE A 4 -0.27 -1.79 14.28
C ILE A 4 0.21 -0.49 14.98
N PRO A 5 1.43 -0.47 15.53
CA PRO A 5 1.87 0.77 16.21
C PRO A 5 2.13 1.92 15.23
N LEU A 6 1.39 3.00 15.38
CA LEU A 6 1.62 4.18 14.54
C LEU A 6 3.08 4.61 14.56
N ALA A 7 3.73 4.60 15.71
CA ALA A 7 5.12 5.04 15.73
C ALA A 7 6.03 4.21 14.84
N ASN A 8 5.75 2.93 14.67
CA ASN A 8 6.58 2.08 13.83
C ASN A 8 6.36 2.44 12.37
N VAL A 9 5.09 2.75 12.03
CA VAL A 9 4.80 3.11 10.63
C VAL A 9 5.49 4.42 10.31
N LYS A 10 5.38 5.38 11.23
CA LYS A 10 6.04 6.70 11.01
C LYS A 10 7.55 6.55 10.92
N ALA A 11 8.13 5.58 11.63
CA ALA A 11 9.60 5.40 11.53
C ALA A 11 9.99 5.00 10.12
N HIS A 12 9.17 4.18 9.47
CA HIS A 12 9.49 3.80 8.07
C HIS A 12 9.37 5.04 7.20
N LEU A 13 8.36 5.87 7.43
CA LEU A 13 8.25 7.08 6.61
C LEU A 13 9.48 7.99 6.82
N THR A 14 9.96 8.09 8.05
CA THR A 14 11.15 8.93 8.28
C THR A 14 12.34 8.39 7.49
N GLN A 15 12.50 7.07 7.47
CA GLN A 15 13.59 6.48 6.68
C GLN A 15 13.40 6.76 5.18
N LEU A 16 12.18 6.64 4.64
CA LEU A 16 11.98 6.92 3.23
C LEU A 16 12.27 8.40 2.92
N SER A 17 11.92 9.32 3.85
CA SER A 17 12.18 10.74 3.69
C SER A 17 13.70 11.01 3.57
N THR A 18 14.47 10.38 4.45
CA THR A 18 15.93 10.52 4.46
C THR A 18 16.49 9.93 3.18
N ILE A 19 15.96 8.79 2.76
CA ILE A 19 16.43 8.20 1.52
C ILE A 19 16.20 9.17 0.36
N ALA A 20 15.03 9.82 0.29
CA ALA A 20 14.79 10.76 -0.80
C ALA A 20 15.78 11.94 -0.69
N ALA A 21 15.94 12.47 0.52
CA ALA A 21 16.87 13.61 0.67
C ALA A 21 18.29 13.28 0.27
N ASN A 22 18.75 12.07 0.49
CA ASN A 22 20.13 11.65 0.18
C ASN A 22 20.31 11.31 -1.27
N ASN A 23 19.19 11.25 -2.02
CA ASN A 23 19.22 10.82 -3.41
C ASN A 23 18.54 11.79 -4.32
N GLY A 24 18.85 13.07 -4.17
CA GLY A 24 18.25 13.94 -5.16
C GLY A 24 16.87 14.47 -4.92
N GLY A 25 16.24 14.06 -3.82
CA GLY A 25 14.95 14.62 -3.48
C GLY A 25 13.76 13.74 -3.86
N ASN A 26 14.00 12.58 -4.46
CA ASN A 26 12.82 11.77 -4.90
C ASN A 26 13.14 10.29 -4.79
N ARG A 27 12.11 9.45 -5.00
CA ARG A 27 12.28 8.00 -4.99
C ARG A 27 11.65 7.48 -6.28
N ALA A 28 12.00 8.12 -7.41
CA ALA A 28 11.35 7.75 -8.70
C ALA A 28 11.99 6.63 -9.46
N HIS A 29 11.20 5.96 -10.29
CA HIS A 29 11.72 4.93 -11.16
C HIS A 29 12.94 5.41 -11.94
N GLY A 30 13.95 4.55 -11.94
CA GLY A 30 15.18 4.83 -12.66
C GLY A 30 16.13 5.76 -11.97
N ARG A 31 15.76 6.26 -10.80
CA ARG A 31 16.64 7.16 -10.04
C ARG A 31 17.13 6.36 -8.80
N PRO A 32 18.28 6.73 -8.22
CA PRO A 32 18.82 5.99 -7.07
C PRO A 32 17.95 5.91 -5.83
N GLY A 33 17.08 6.90 -5.64
CA GLY A 33 16.20 6.87 -4.50
C GLY A 33 15.22 5.70 -4.55
N TYR A 34 14.89 5.19 -5.74
CA TYR A 34 13.98 4.06 -5.76
C TYR A 34 14.67 2.79 -5.30
N LYS A 35 15.85 2.47 -5.84
CA LYS A 35 16.52 1.26 -5.41
C LYS A 35 16.86 1.33 -3.93
N ALA A 36 17.21 2.52 -3.45
CA ALA A 36 17.55 2.63 -2.02
C ALA A 36 16.31 2.32 -1.16
N SER A 37 15.13 2.70 -1.66
CA SER A 37 13.88 2.37 -0.94
C SER A 37 13.66 0.84 -0.92
N VAL A 38 13.85 0.19 -2.06
CA VAL A 38 13.70 -1.26 -2.13
C VAL A 38 14.68 -1.92 -1.12
N ASP A 39 15.92 -1.43 -1.06
CA ASP A 39 16.92 -2.02 -0.17
C ASP A 39 16.53 -1.93 1.28
N TYR A 40 15.93 -0.80 1.70
CA TYR A 40 15.47 -0.65 3.09
C TYR A 40 14.37 -1.64 3.41
N VAL A 41 13.36 -1.69 2.53
CA VAL A 41 12.24 -2.60 2.80
C VAL A 41 12.71 -4.04 2.78
N LYS A 42 13.57 -4.42 1.83
CA LYS A 42 14.02 -5.82 1.76
C LYS A 42 14.81 -6.23 2.97
N ALA A 43 15.67 -5.34 3.47
CA ALA A 43 16.45 -5.71 4.66
C ALA A 43 15.58 -5.96 5.87
N LYS A 44 14.50 -5.20 6.05
CA LYS A 44 13.61 -5.41 7.23
C LYS A 44 12.90 -6.76 7.11
N LEU A 45 12.45 -7.09 5.90
CA LEU A 45 11.78 -8.36 5.64
C LEU A 45 12.69 -9.56 5.79
N ASP A 46 13.90 -9.47 5.25
CA ASP A 46 14.86 -10.59 5.36
C ASP A 46 15.16 -10.88 6.82
N ALA A 47 15.32 -9.84 7.63
CA ALA A 47 15.60 -10.02 9.06
C ALA A 47 14.43 -10.65 9.79
N ALA A 48 13.20 -10.45 9.30
CA ALA A 48 12.02 -11.01 9.95
C ALA A 48 11.69 -12.44 9.52
N GLY A 49 12.45 -13.01 8.59
CA GLY A 49 12.19 -14.38 8.17
C GLY A 49 11.47 -14.62 6.86
N TYR A 50 11.13 -13.55 6.13
CA TYR A 50 10.52 -13.71 4.85
C TYR A 50 11.47 -14.23 3.78
N THR A 51 10.89 -14.87 2.77
CA THR A 51 11.64 -15.24 1.57
C THR A 51 11.38 -14.07 0.62
N THR A 52 12.42 -13.35 0.25
CA THR A 52 12.23 -12.20 -0.65
C THR A 52 12.77 -12.44 -2.03
N THR A 53 12.07 -11.87 -2.99
CA THR A 53 12.46 -11.98 -4.41
C THR A 53 12.48 -10.59 -5.04
N LEU A 54 13.55 -10.26 -5.74
CA LEU A 54 13.59 -9.00 -6.47
C LEU A 54 13.28 -9.33 -7.91
N GLN A 55 12.23 -8.72 -8.48
CA GLN A 55 11.91 -8.96 -9.85
C GLN A 55 12.33 -7.73 -10.63
N GLN A 56 13.19 -7.88 -11.63
CA GLN A 56 13.67 -6.77 -12.43
C GLN A 56 12.93 -6.61 -13.73
N PHE A 57 12.74 -5.37 -14.18
CA PHE A 57 12.09 -5.12 -15.48
C PHE A 57 12.68 -3.85 -16.02
N THR A 58 12.47 -3.59 -17.30
CA THR A 58 12.99 -2.36 -17.91
C THR A 58 11.84 -1.55 -18.48
N SER A 59 11.79 -0.26 -18.15
CA SER A 59 10.75 0.61 -18.69
C SER A 59 11.38 1.96 -18.91
N GLY A 60 11.09 2.56 -20.06
CA GLY A 60 11.65 3.87 -20.39
C GLY A 60 13.15 3.87 -20.35
N GLY A 61 13.74 2.77 -20.79
CA GLY A 61 15.16 2.65 -20.80
C GLY A 61 15.88 2.49 -19.48
N ALA A 62 15.12 2.35 -18.39
CA ALA A 62 15.76 2.20 -17.09
C ALA A 62 15.23 0.97 -16.37
N THR A 63 16.07 0.39 -15.52
CA THR A 63 15.77 -0.79 -14.74
C THR A 63 14.89 -0.43 -13.55
N GLY A 64 13.82 -1.19 -13.39
CA GLY A 64 12.92 -0.98 -12.25
C GLY A 64 12.87 -2.31 -11.52
N TYR A 65 12.26 -2.33 -10.34
CA TYR A 65 12.22 -3.55 -9.58
C TYR A 65 10.90 -3.65 -8.81
N ASN A 66 10.41 -4.90 -8.71
CA ASN A 66 9.30 -5.16 -7.75
C ASN A 66 9.95 -5.97 -6.65
N LEU A 67 9.46 -5.85 -5.41
CA LEU A 67 9.97 -6.64 -4.27
C LEU A 67 8.80 -7.50 -3.81
N ILE A 68 9.01 -8.83 -3.82
CA ILE A 68 7.92 -9.75 -3.46
C ILE A 68 8.44 -10.47 -2.21
N ALA A 69 7.59 -10.58 -1.22
CA ALA A 69 7.99 -11.26 0.04
C ALA A 69 6.98 -12.36 0.37
N ASN A 70 7.46 -13.57 0.58
CA ASN A 70 6.51 -14.67 0.89
C ASN A 70 6.77 -15.12 2.35
N TRP A 71 5.69 -15.27 3.12
CA TRP A 71 5.80 -15.74 4.52
C TRP A 71 5.74 -17.26 4.40
N PRO A 72 6.82 -17.97 4.79
CA PRO A 72 6.72 -19.43 4.63
C PRO A 72 5.54 -20.09 5.30
N GLY A 73 4.98 -21.04 4.56
CA GLY A 73 3.85 -21.81 5.09
C GLY A 73 2.50 -21.45 4.53
N GLY A 74 1.44 -22.04 5.11
CA GLY A 74 0.09 -21.78 4.62
C GLY A 74 -0.24 -22.65 3.40
N ASP A 75 -1.48 -22.58 2.95
CA ASP A 75 -1.91 -23.39 1.82
C ASP A 75 -1.32 -22.80 0.54
N PRO A 76 -0.44 -23.52 -0.17
CA PRO A 76 0.10 -22.93 -1.40
C PRO A 76 -0.95 -22.69 -2.49
N ASN A 77 -2.08 -23.34 -2.39
CA ASN A 77 -3.11 -23.14 -3.39
C ASN A 77 -4.10 -22.03 -3.12
N LYS A 78 -3.94 -21.32 -1.99
CA LYS A 78 -4.84 -20.21 -1.69
C LYS A 78 -3.90 -19.14 -1.13
N VAL A 79 -3.52 -18.19 -1.99
CA VAL A 79 -2.58 -17.12 -1.62
C VAL A 79 -3.29 -15.79 -1.44
N LEU A 80 -3.07 -15.11 -0.30
CA LEU A 80 -3.69 -13.79 -0.10
C LEU A 80 -2.49 -12.79 -0.29
N MET A 81 -2.66 -11.80 -1.16
CA MET A 81 -1.55 -10.85 -1.38
C MET A 81 -1.98 -9.46 -0.99
N ALA A 82 -1.00 -8.66 -0.55
CA ALA A 82 -1.28 -7.27 -0.25
C ALA A 82 -0.11 -6.50 -0.80
N GLY A 83 -0.38 -5.31 -1.34
CA GLY A 83 0.75 -4.56 -1.90
C GLY A 83 0.53 -3.09 -1.92
N ALA A 84 1.59 -2.39 -2.35
CA ALA A 84 1.60 -0.93 -2.36
C ALA A 84 2.72 -0.51 -3.30
N HIS A 85 2.55 0.54 -4.11
CA HIS A 85 3.67 0.92 -4.94
C HIS A 85 4.66 1.72 -4.09
N LEU A 86 5.93 1.44 -4.38
CA LEU A 86 7.05 2.03 -3.67
C LEU A 86 7.74 3.20 -4.38
N ASP A 87 7.40 3.42 -5.64
CA ASP A 87 8.01 4.57 -6.32
C ASP A 87 7.24 5.86 -6.07
N SER A 88 7.94 7.00 -6.26
CA SER A 88 7.31 8.29 -6.19
C SER A 88 7.44 8.95 -7.56
N VAL A 89 6.74 10.05 -7.76
CA VAL A 89 7.01 10.87 -8.95
C VAL A 89 8.37 11.57 -8.71
N SER A 90 8.92 12.17 -9.77
CA SER A 90 10.21 12.78 -9.55
C SER A 90 10.19 14.15 -8.94
N SER A 91 9.00 14.69 -8.65
CA SER A 91 8.99 16.01 -8.09
C SER A 91 9.22 16.03 -6.60
N GLY A 92 9.20 14.88 -5.92
CA GLY A 92 9.38 14.92 -4.48
C GLY A 92 9.50 13.53 -3.87
N ALA A 93 9.41 13.50 -2.54
CA ALA A 93 9.69 12.25 -1.82
C ALA A 93 8.55 11.26 -1.83
N GLY A 94 7.35 11.71 -2.19
CA GLY A 94 6.22 10.75 -2.22
C GLY A 94 5.95 10.11 -0.87
N ILE A 95 5.80 10.91 0.18
CA ILE A 95 5.54 10.34 1.52
C ILE A 95 4.09 9.87 1.64
N ASN A 96 3.08 10.69 1.32
CA ASN A 96 1.75 10.14 1.34
C ASN A 96 1.58 9.26 0.06
N ASP A 97 2.10 9.66 -1.11
CA ASP A 97 1.90 8.85 -2.33
C ASP A 97 3.29 8.34 -2.77
N ASN A 98 3.71 7.15 -2.37
CA ASN A 98 2.91 6.20 -1.56
C ASN A 98 3.79 5.56 -0.51
N GLY A 99 4.56 6.41 0.15
CA GLY A 99 5.25 5.95 1.35
C GLY A 99 4.20 5.44 2.37
N SER A 100 3.03 6.08 2.45
CA SER A 100 2.00 5.69 3.45
C SER A 100 1.57 4.24 3.26
N GLY A 101 1.20 3.86 2.01
CA GLY A 101 0.79 2.47 1.80
C GLY A 101 1.96 1.52 1.96
N SER A 102 3.12 1.92 1.45
CA SER A 102 4.30 1.06 1.54
C SER A 102 4.68 0.75 2.99
N ALA A 103 4.63 1.77 3.85
CA ALA A 103 4.98 1.60 5.26
C ALA A 103 3.94 0.80 6.00
N ALA A 104 2.66 0.98 5.68
CA ALA A 104 1.62 0.20 6.35
C ALA A 104 1.76 -1.26 6.00
N VAL A 105 2.02 -1.56 4.72
CA VAL A 105 2.15 -2.98 4.32
C VAL A 105 3.43 -3.56 4.97
N LEU A 106 4.51 -2.78 4.98
CA LEU A 106 5.72 -3.29 5.61
C LEU A 106 5.50 -3.56 7.12
N GLU A 107 4.85 -2.65 7.84
CA GLU A 107 4.69 -2.93 9.26
C GLU A 107 3.71 -4.07 9.49
N THR A 108 2.73 -4.24 8.60
CA THR A 108 1.83 -5.40 8.74
C THR A 108 2.64 -6.72 8.53
N ALA A 109 3.54 -6.75 7.55
CA ALA A 109 4.37 -7.92 7.34
C ALA A 109 5.25 -8.17 8.57
N LEU A 110 5.81 -7.12 9.14
CA LEU A 110 6.64 -7.32 10.33
C LEU A 110 5.77 -7.81 11.51
N ALA A 111 4.51 -7.34 11.60
CA ALA A 111 3.63 -7.75 12.68
C ALA A 111 3.30 -9.24 12.59
N VAL A 112 3.22 -9.76 11.39
CA VAL A 112 2.92 -11.19 11.20
C VAL A 112 4.08 -11.99 11.84
N SER A 113 5.33 -11.54 11.66
CA SER A 113 6.48 -12.26 12.17
C SER A 113 6.56 -12.11 13.71
N ARG A 114 6.35 -10.90 14.21
CA ARG A 114 6.42 -10.65 15.65
C ARG A 114 5.34 -11.48 16.36
N ALA A 115 4.17 -11.64 15.76
CA ALA A 115 3.05 -12.38 16.36
C ALA A 115 3.20 -13.88 16.28
N GLY A 116 4.12 -14.33 15.43
CA GLY A 116 4.31 -15.77 15.23
C GLY A 116 3.06 -16.31 14.55
N TYR A 117 2.44 -15.54 13.65
CA TYR A 117 1.21 -15.94 13.01
C TYR A 117 1.41 -17.01 11.95
N GLN A 118 0.60 -18.04 12.01
CA GLN A 118 0.61 -19.14 11.04
C GLN A 118 -0.78 -19.15 10.39
N PRO A 119 -0.93 -18.43 9.28
CA PRO A 119 -2.21 -18.34 8.56
C PRO A 119 -2.60 -19.61 7.84
N ASP A 120 -3.88 -19.74 7.57
CA ASP A 120 -4.40 -20.89 6.82
C ASP A 120 -3.99 -20.66 5.35
N LYS A 121 -4.19 -19.44 4.86
CA LYS A 121 -3.79 -19.13 3.47
C LYS A 121 -2.33 -18.64 3.45
N HIS A 122 -1.59 -18.90 2.37
CA HIS A 122 -0.21 -18.41 2.28
C HIS A 122 -0.25 -16.90 2.06
N LEU A 123 0.60 -16.16 2.79
CA LEU A 123 0.65 -14.69 2.66
C LEU A 123 1.82 -14.26 1.79
N ARG A 124 1.50 -13.32 0.90
CA ARG A 124 2.55 -12.76 0.02
C ARG A 124 2.32 -11.26 -0.01
N PHE A 125 3.42 -10.50 0.15
CA PHE A 125 3.35 -9.02 0.14
C PHE A 125 4.20 -8.52 -1.04
N ALA A 126 3.81 -7.40 -1.60
CA ALA A 126 4.59 -6.89 -2.71
C ALA A 126 4.68 -5.36 -2.66
N TRP A 127 5.80 -4.85 -3.14
CA TRP A 127 6.05 -3.41 -3.27
C TRP A 127 6.37 -3.22 -4.76
N TRP A 128 5.53 -2.48 -5.44
CA TRP A 128 5.65 -2.35 -6.89
C TRP A 128 6.50 -1.19 -7.32
N GLY A 129 7.29 -1.45 -8.36
CA GLY A 129 7.99 -0.33 -8.95
C GLY A 129 7.16 0.25 -10.16
N ALA A 130 7.57 1.48 -10.51
CA ALA A 130 7.06 2.17 -11.67
C ALA A 130 5.55 2.28 -11.82
N GLU A 131 4.85 2.38 -10.69
CA GLU A 131 3.43 2.61 -10.81
C GLU A 131 3.15 3.95 -11.41
N GLU A 132 4.06 4.92 -11.19
CA GLU A 132 3.75 6.28 -11.68
C GLU A 132 3.97 6.41 -13.20
N LEU A 133 4.52 5.36 -13.81
CA LEU A 133 4.70 5.35 -15.25
C LEU A 133 3.53 4.65 -15.93
N GLY A 134 2.51 4.22 -15.18
CA GLY A 134 1.39 3.50 -15.78
C GLY A 134 1.24 2.06 -15.30
N LEU A 135 1.41 1.83 -13.99
CA LEU A 135 1.23 0.49 -13.36
C LEU A 135 2.18 -0.52 -13.97
N ILE A 136 3.36 -0.07 -14.32
CA ILE A 136 4.30 -0.95 -15.06
C ILE A 136 4.74 -2.14 -14.24
N GLY A 137 5.09 -1.95 -12.97
CA GLY A 137 5.56 -3.07 -12.16
C GLY A 137 4.48 -4.08 -11.85
N SER A 138 3.26 -3.65 -11.50
CA SER A 138 2.23 -4.66 -11.20
C SER A 138 1.79 -5.35 -12.51
N LYS A 139 1.73 -4.60 -13.61
CA LYS A 139 1.41 -5.25 -14.90
C LYS A 139 2.51 -6.29 -15.18
N PHE A 140 3.76 -5.94 -14.97
CA PHE A 140 4.84 -6.91 -15.19
C PHE A 140 4.60 -8.16 -14.36
N TYR A 141 4.26 -8.01 -13.10
CA TYR A 141 4.06 -9.18 -12.24
C TYR A 141 2.92 -10.06 -12.75
N VAL A 142 1.76 -9.48 -13.03
CA VAL A 142 0.65 -10.28 -13.49
C VAL A 142 0.93 -10.90 -14.85
N ASN A 143 1.60 -10.16 -15.71
CA ASN A 143 1.86 -10.70 -17.09
C ASN A 143 2.81 -11.86 -17.05
N ASN A 144 3.59 -11.97 -15.99
CA ASN A 144 4.59 -13.02 -15.86
C ASN A 144 4.21 -14.17 -14.96
N LEU A 145 3.03 -14.09 -14.36
CA LEU A 145 2.56 -15.22 -13.56
C LEU A 145 1.88 -16.22 -14.44
N PRO A 146 2.29 -17.49 -14.40
CA PRO A 146 1.69 -18.56 -15.19
C PRO A 146 0.23 -18.65 -14.75
N SER A 147 -0.63 -19.10 -15.63
CA SER A 147 -2.03 -19.23 -15.30
C SER A 147 -2.24 -20.14 -14.06
N ALA A 148 -1.40 -21.15 -13.84
CA ALA A 148 -1.58 -22.03 -12.69
C ALA A 148 -1.38 -21.24 -11.38
N ASP A 149 -0.45 -20.29 -11.39
CA ASP A 149 -0.17 -19.49 -10.19
C ASP A 149 -1.20 -18.39 -10.04
N ARG A 150 -1.73 -17.86 -11.14
CA ARG A 150 -2.75 -16.84 -11.04
C ARG A 150 -4.01 -17.43 -10.34
N SER A 151 -4.30 -18.66 -10.68
CA SER A 151 -5.49 -19.27 -10.13
C SER A 151 -5.39 -19.55 -8.64
N LYS A 152 -4.20 -19.47 -8.07
CA LYS A 152 -4.02 -19.71 -6.64
C LYS A 152 -4.24 -18.44 -5.83
N LEU A 153 -4.41 -17.32 -6.51
CA LEU A 153 -4.61 -16.04 -5.79
C LEU A 153 -6.02 -15.90 -5.29
N ALA A 154 -6.16 -15.80 -3.98
CA ALA A 154 -7.45 -15.67 -3.38
C ALA A 154 -7.86 -14.22 -3.29
N GLY A 155 -6.89 -13.30 -3.34
CA GLY A 155 -7.31 -11.90 -3.34
C GLY A 155 -6.05 -11.04 -3.37
N TYR A 156 -6.24 -9.79 -3.76
CA TYR A 156 -5.14 -8.82 -3.77
C TYR A 156 -5.68 -7.56 -3.09
N LEU A 157 -4.99 -7.10 -2.03
CA LEU A 157 -5.42 -5.89 -1.30
C LEU A 157 -4.42 -4.76 -1.63
N ASN A 158 -4.92 -3.60 -2.03
CA ASN A 158 -4.04 -2.50 -2.45
C ASN A 158 -4.12 -1.34 -1.50
N PHE A 159 -2.95 -0.73 -1.22
CA PHE A 159 -2.91 0.44 -0.33
C PHE A 159 -2.10 1.51 -1.02
N ASP A 160 -2.80 2.55 -1.48
CA ASP A 160 -2.13 3.62 -2.24
C ASP A 160 -2.78 4.94 -1.79
N MET A 161 -2.01 5.69 -1.00
CA MET A 161 -2.38 6.97 -0.39
C MET A 161 -3.37 6.72 0.72
N ILE A 162 -2.85 6.50 1.93
CA ILE A 162 -3.71 6.22 3.09
C ILE A 162 -3.43 7.14 4.25
N GLY A 163 -2.63 8.18 4.03
CA GLY A 163 -2.38 9.15 5.10
C GLY A 163 -2.65 10.61 4.70
N SER A 164 -3.60 10.86 3.81
CA SER A 164 -3.82 12.22 3.26
C SER A 164 -4.08 13.20 4.37
N PRO A 165 -3.48 14.38 4.27
CA PRO A 165 -3.67 15.36 5.35
C PRO A 165 -5.05 15.87 5.69
N ASN A 166 -5.98 15.86 4.73
CA ASN A 166 -7.36 16.33 4.94
C ASN A 166 -8.12 15.12 4.42
N PRO A 167 -8.04 14.02 5.20
CA PRO A 167 -8.61 12.77 4.76
C PRO A 167 -10.03 12.44 4.66
N GLY A 168 -10.31 11.54 3.70
CA GLY A 168 -11.60 10.89 3.62
C GLY A 168 -11.27 9.42 3.87
N TYR A 169 -12.28 8.57 4.09
CA TYR A 169 -12.05 7.15 4.31
C TYR A 169 -12.81 6.43 3.21
N PHE A 170 -12.09 6.04 2.16
CA PHE A 170 -12.69 5.42 1.00
C PHE A 170 -12.32 3.96 0.89
N VAL A 171 -13.30 3.11 0.60
CA VAL A 171 -13.06 1.71 0.50
C VAL A 171 -13.37 1.31 -0.93
N TYR A 172 -12.51 0.49 -1.56
CA TYR A 172 -12.80 0.09 -2.94
C TYR A 172 -14.09 -0.74 -2.99
N ASP A 173 -14.83 -0.60 -4.09
CA ASP A 173 -16.07 -1.35 -4.27
C ASP A 173 -15.91 -2.41 -5.33
N ASP A 174 -14.94 -3.31 -5.15
CA ASP A 174 -14.70 -4.38 -6.09
C ASP A 174 -15.18 -5.67 -5.45
N ASP A 175 -14.33 -6.60 -5.07
CA ASP A 175 -14.85 -7.81 -4.48
C ASP A 175 -15.71 -7.50 -3.26
N PRO A 176 -16.96 -8.05 -3.18
CA PRO A 176 -17.83 -7.77 -2.05
C PRO A 176 -17.39 -8.21 -0.68
N VAL A 177 -16.70 -9.35 -0.62
CA VAL A 177 -16.21 -9.88 0.62
C VAL A 177 -15.04 -9.05 1.19
N ILE A 178 -14.11 -8.67 0.33
CA ILE A 178 -12.99 -7.83 0.83
C ILE A 178 -13.56 -6.49 1.25
N GLU A 179 -14.47 -5.91 0.46
CA GLU A 179 -15.08 -4.63 0.80
C GLU A 179 -15.79 -4.69 2.15
N LYS A 180 -16.59 -5.73 2.37
CA LYS A 180 -17.26 -5.85 3.66
C LYS A 180 -16.31 -5.94 4.84
N THR A 181 -15.21 -6.68 4.69
CA THR A 181 -14.24 -6.85 5.72
C THR A 181 -13.69 -5.46 6.18
N PHE A 182 -13.36 -4.61 5.22
CA PHE A 182 -12.85 -3.29 5.58
C PHE A 182 -13.98 -2.44 6.18
N LYS A 183 -15.16 -2.46 5.57
CA LYS A 183 -16.30 -1.66 6.11
C LYS A 183 -16.66 -2.05 7.54
N ASN A 184 -16.61 -3.35 7.85
CA ASN A 184 -16.91 -3.78 9.23
C ASN A 184 -15.86 -3.30 10.23
N TYR A 185 -14.60 -3.18 9.82
CA TYR A 185 -13.61 -2.71 10.74
C TYR A 185 -13.88 -1.24 11.11
N PHE A 186 -14.19 -0.43 10.11
CA PHE A 186 -14.46 1.00 10.32
C PHE A 186 -15.75 1.18 11.12
N ALA A 187 -16.71 0.28 10.92
CA ALA A 187 -17.97 0.39 11.69
C ALA A 187 -17.67 0.20 13.16
N GLY A 188 -16.71 -0.65 13.49
CA GLY A 188 -16.35 -0.87 14.90
C GLY A 188 -15.69 0.34 15.57
N LEU A 189 -15.12 1.24 14.76
CA LEU A 189 -14.52 2.46 15.25
C LEU A 189 -15.55 3.61 15.21
N ASN A 190 -16.70 3.35 14.60
CA ASN A 190 -17.72 4.35 14.35
C ASN A 190 -17.20 5.46 13.38
N VAL A 191 -16.44 5.04 12.37
CA VAL A 191 -15.93 5.98 11.35
C VAL A 191 -16.66 5.61 10.07
N PRO A 192 -17.41 6.54 9.49
CA PRO A 192 -18.12 6.21 8.27
C PRO A 192 -17.17 6.09 7.07
N THR A 193 -17.57 5.28 6.10
CA THR A 193 -16.75 5.15 4.89
C THR A 193 -17.59 5.43 3.67
N GLU A 194 -16.92 5.76 2.57
CA GLU A 194 -17.59 5.98 1.29
C GLU A 194 -16.89 5.09 0.25
N ILE A 195 -17.58 4.84 -0.87
CA ILE A 195 -17.04 4.06 -1.98
C ILE A 195 -16.02 4.87 -2.70
N GLU A 196 -14.93 4.21 -3.12
CA GLU A 196 -13.83 4.86 -3.78
C GLU A 196 -14.21 5.13 -5.23
N THR A 197 -14.15 6.40 -5.65
CA THR A 197 -14.47 6.76 -7.03
C THR A 197 -13.33 7.57 -7.70
N GLU A 198 -12.54 8.28 -6.89
CA GLU A 198 -11.41 9.11 -7.40
C GLU A 198 -10.22 8.28 -7.90
N ARG A 202 -6.88 3.00 -11.59
CA ARG A 202 -5.74 3.97 -11.60
C ARG A 202 -4.68 3.60 -10.53
N SER A 203 -4.68 2.34 -10.07
CA SER A 203 -3.63 1.93 -9.13
C SER A 203 -3.35 0.46 -9.41
N ASP A 204 -2.45 -0.15 -8.62
CA ASP A 204 -1.94 -1.49 -8.87
C ASP A 204 -2.92 -2.63 -8.71
N HIS A 205 -4.10 -2.36 -8.19
CA HIS A 205 -5.07 -3.48 -8.17
C HIS A 205 -5.64 -3.71 -9.61
N ALA A 206 -5.51 -2.77 -10.53
CA ALA A 206 -6.14 -2.92 -11.87
C ALA A 206 -5.69 -4.15 -12.63
N PRO A 207 -4.39 -4.44 -12.71
CA PRO A 207 -3.96 -5.62 -13.44
C PRO A 207 -4.51 -6.89 -12.89
N PHE A 208 -4.65 -6.95 -11.57
CA PHE A 208 -5.20 -8.14 -10.96
C PHE A 208 -6.72 -8.26 -11.25
N LYS A 209 -7.42 -7.15 -11.08
CA LYS A 209 -8.86 -7.14 -11.29
C LYS A 209 -9.16 -7.61 -12.74
N ASN A 210 -8.34 -7.14 -13.67
CA ASN A 210 -8.56 -7.46 -15.10
C ASN A 210 -8.48 -8.93 -15.42
N VAL A 211 -7.73 -9.69 -14.62
CA VAL A 211 -7.60 -11.13 -14.83
C VAL A 211 -8.41 -11.97 -13.86
N GLY A 212 -9.40 -11.34 -13.21
CA GLY A 212 -10.26 -12.15 -12.37
C GLY A 212 -9.90 -12.41 -10.93
N VAL A 213 -8.85 -11.74 -10.44
CA VAL A 213 -8.49 -11.89 -9.03
C VAL A 213 -9.35 -10.93 -8.20
N PRO A 214 -9.91 -11.42 -7.10
CA PRO A 214 -10.73 -10.51 -6.26
C PRO A 214 -9.80 -9.41 -5.69
N VAL A 215 -10.24 -8.16 -5.76
CA VAL A 215 -9.38 -7.10 -5.23
C VAL A 215 -10.14 -6.16 -4.32
N GLY A 216 -9.39 -5.42 -3.51
CA GLY A 216 -10.00 -4.39 -2.69
C GLY A 216 -8.89 -3.47 -2.20
N GLY A 217 -9.26 -2.53 -1.33
CA GLY A 217 -8.21 -1.61 -0.83
C GLY A 217 -8.83 -0.41 -0.17
N LEU A 218 -7.90 0.46 0.28
CA LEU A 218 -8.25 1.68 1.02
C LEU A 218 -7.56 2.87 0.36
N PHE A 219 -8.18 4.04 0.56
CA PHE A 219 -7.68 5.27 -0.07
C PHE A 219 -8.19 6.44 0.77
N THR A 220 -7.40 7.50 0.93
CA THR A 220 -7.86 8.66 1.75
C THR A 220 -8.03 9.94 0.96
N GLY A 221 -7.94 9.81 -0.36
CA GLY A 221 -8.19 10.95 -1.25
C GLY A 221 -6.96 11.65 -1.78
N ALA A 222 -7.13 12.29 -2.94
CA ALA A 222 -5.98 12.97 -3.56
C ALA A 222 -6.38 14.39 -3.94
N GLY A 223 -6.38 14.68 -5.23
CA GLY A 223 -6.61 16.05 -5.71
C GLY A 223 -8.03 16.59 -5.64
N TYR A 224 -9.03 15.75 -5.53
CA TYR A 224 -10.42 16.18 -5.43
C TYR A 224 -10.66 16.98 -4.15
N THR A 225 -11.70 17.79 -4.18
CA THR A 225 -12.02 18.66 -3.06
C THR A 225 -12.97 17.99 -2.07
N LYS A 226 -12.70 18.10 -0.79
CA LYS A 226 -13.56 17.52 0.26
C LYS A 226 -14.84 18.37 0.34
N SER A 227 -15.98 17.72 0.37
CA SER A 227 -17.24 18.51 0.39
C SER A 227 -17.62 18.88 1.82
N ALA A 228 -18.66 19.73 1.97
CA ALA A 228 -19.04 20.06 3.32
C ALA A 228 -19.65 18.85 4.00
N ALA A 229 -20.36 18.00 3.30
CA ALA A 229 -20.92 16.80 3.92
C ALA A 229 -19.77 15.90 4.37
N GLN A 230 -18.70 15.82 3.56
CA GLN A 230 -17.57 14.96 3.99
C GLN A 230 -16.82 15.55 5.16
N ALA A 231 -16.72 16.89 5.25
CA ALA A 231 -16.02 17.48 6.39
C ALA A 231 -16.88 17.26 7.65
N GLN A 232 -18.18 17.15 7.43
CA GLN A 232 -19.13 16.88 8.51
C GLN A 232 -18.89 15.48 9.08
N LYS A 233 -18.70 14.50 8.22
CA LYS A 233 -18.51 13.20 8.81
C LYS A 233 -17.07 12.86 9.19
N TRP A 234 -16.07 13.53 8.61
CA TRP A 234 -14.70 13.17 8.95
C TRP A 234 -13.83 14.26 9.52
N GLY A 235 -14.32 15.50 9.59
CA GLY A 235 -13.46 16.54 10.08
C GLY A 235 -12.64 17.09 8.92
N GLY A 236 -11.66 17.92 9.23
CA GLY A 236 -10.84 18.48 8.17
C GLY A 236 -11.35 19.81 7.66
N THR A 237 -11.12 20.08 6.38
CA THR A 237 -11.48 21.38 5.82
C THR A 237 -12.26 21.21 4.56
N ALA A 238 -13.50 21.70 4.55
CA ALA A 238 -14.30 21.57 3.34
C ALA A 238 -13.76 22.59 2.33
N GLY A 239 -13.81 22.22 1.07
CA GLY A 239 -13.34 23.10 0.02
C GLY A 239 -11.86 23.01 -0.31
N GLN A 240 -11.16 22.14 0.42
CA GLN A 240 -9.72 21.94 0.18
C GLN A 240 -9.52 20.50 -0.30
N ALA A 241 -8.50 20.31 -1.10
CA ALA A 241 -8.18 18.94 -1.55
C ALA A 241 -7.91 18.02 -0.35
N PHE A 242 -8.13 16.72 -0.62
CA PHE A 242 -7.81 15.71 0.39
C PHE A 242 -6.27 15.73 0.62
N ASP A 243 -5.54 15.87 -0.50
CA ASP A 243 -4.08 15.97 -0.42
C ASP A 243 -3.65 17.14 -1.30
N ARG A 244 -3.37 18.26 -0.62
CA ARG A 244 -2.95 19.52 -1.28
C ARG A 244 -1.54 19.42 -1.86
N CYS A 245 -0.83 18.33 -1.57
CA CYS A 245 0.56 18.17 -2.06
C CYS A 245 0.68 16.96 -2.95
N TYR A 246 -0.46 16.53 -3.51
CA TYR A 246 -0.46 15.38 -4.42
C TYR A 246 0.57 15.55 -5.58
N HIS A 247 1.49 14.58 -5.73
CA HIS A 247 2.53 14.59 -6.80
C HIS A 247 3.38 15.86 -6.78
N SER A 248 3.49 16.48 -5.61
CA SER A 248 4.21 17.77 -5.49
C SER A 248 5.43 17.65 -4.62
N SER A 249 6.29 18.67 -4.65
CA SER A 249 7.45 18.62 -3.80
C SER A 249 7.09 18.67 -2.32
N CYS A 250 5.91 19.13 -1.98
CA CYS A 250 5.54 19.18 -0.57
C CYS A 250 4.93 17.88 -0.02
N ASP A 251 4.98 16.79 -0.81
CA ASP A 251 4.49 15.50 -0.28
C ASP A 251 5.65 14.91 0.54
N SER A 252 5.83 15.52 1.71
CA SER A 252 6.92 15.25 2.64
C SER A 252 6.42 14.67 3.93
N LEU A 253 7.30 14.56 4.93
CA LEU A 253 6.83 14.06 6.22
C LEU A 253 5.73 14.83 6.85
N SER A 254 5.60 16.12 6.53
CA SER A 254 4.53 16.90 7.11
C SER A 254 3.18 16.75 6.38
N ASN A 255 3.15 15.96 5.29
CA ASN A 255 1.95 15.78 4.50
C ASN A 255 1.25 14.48 4.88
N ILE A 256 1.19 14.21 6.19
CA ILE A 256 0.55 12.97 6.68
C ILE A 256 -0.39 13.32 7.82
N ASN A 257 -1.58 12.74 7.79
CA ASN A 257 -2.49 12.86 8.91
C ASN A 257 -2.31 11.54 9.72
N ASP A 258 -1.85 11.66 10.95
CA ASP A 258 -1.57 10.52 11.78
C ASP A 258 -2.80 9.67 12.07
N THR A 259 -3.94 10.28 12.28
CA THR A 259 -5.11 9.50 12.60
C THR A 259 -5.50 8.62 11.43
N ALA A 260 -5.50 9.20 10.25
CA ALA A 260 -5.89 8.43 9.09
C ALA A 260 -4.84 7.30 8.87
N LEU A 261 -3.56 7.62 9.00
CA LEU A 261 -2.52 6.61 8.77
C LEU A 261 -2.67 5.46 9.76
N ASP A 262 -2.93 5.81 11.03
CA ASP A 262 -3.07 4.75 12.07
C ASP A 262 -4.29 3.89 11.78
N ARG A 263 -5.42 4.54 11.51
CA ARG A 263 -6.64 3.80 11.25
C ARG A 263 -6.51 2.85 10.06
N ASN A 264 -5.94 3.37 8.97
CA ASN A 264 -5.82 2.53 7.79
C ASN A 264 -4.78 1.41 7.95
N SER A 265 -3.72 1.64 8.72
CA SER A 265 -2.72 0.59 8.96
C SER A 265 -3.38 -0.50 9.80
N ASP A 266 -4.15 -0.08 10.80
CA ASP A 266 -4.84 -1.10 11.62
C ASP A 266 -5.87 -1.86 10.80
N ALA A 267 -6.55 -1.18 9.87
CA ALA A 267 -7.54 -1.82 9.04
C ALA A 267 -6.83 -2.81 8.11
N ALA A 268 -5.65 -2.40 7.59
CA ALA A 268 -4.91 -3.34 6.72
C ALA A 268 -4.58 -4.66 7.45
N ALA A 269 -4.12 -4.56 8.70
CA ALA A 269 -3.78 -5.75 9.48
C ALA A 269 -5.06 -6.55 9.76
N HIS A 270 -6.16 -5.87 10.09
CA HIS A 270 -7.38 -6.58 10.35
C HIS A 270 -7.84 -7.40 9.14
N ALA A 271 -7.77 -6.79 7.95
CA ALA A 271 -8.21 -7.48 6.74
C ALA A 271 -7.27 -8.65 6.44
N ILE A 272 -5.97 -8.43 6.58
CA ILE A 272 -5.02 -9.50 6.27
C ILE A 272 -5.20 -10.69 7.21
N TRP A 273 -5.43 -10.44 8.51
CA TRP A 273 -5.65 -11.56 9.44
C TRP A 273 -6.98 -12.22 9.16
N THR A 274 -8.01 -11.44 8.89
CA THR A 274 -9.35 -11.98 8.70
C THR A 274 -9.47 -12.83 7.46
N LEU A 275 -8.91 -12.33 6.37
CA LEU A 275 -9.03 -13.02 5.11
C LEU A 275 -8.06 -14.15 4.96
N SER A 276 -7.05 -14.28 5.83
CA SER A 276 -6.13 -15.40 5.67
C SER A 276 -6.49 -16.59 6.53
N SER A 277 -7.62 -16.48 7.22
CA SER A 277 -8.13 -17.55 8.07
C SER A 277 -9.19 -18.35 7.33
ZN ZN B . 0.06 6.21 -5.57
ZN ZN C . 1.00 8.99 -7.67
CA CA D . -2.71 1.43 15.61
#